data_4ARK
#
_entry.id   4ARK
#
_cell.length_a   82.411
_cell.length_b   82.411
_cell.length_c   130.238
_cell.angle_alpha   90.00
_cell.angle_beta   90.00
_cell.angle_gamma   120.00
#
_symmetry.space_group_name_H-M   'P 62'
#
loop_
_entity.id
_entity.type
_entity.pdbx_description
1 polymer 'DUAL SPECIFICITY MITOGEN-ACTIVATED PROTEIN KINASE KINASE 1'
2 non-polymer "ADENOSINE-5'-DIPHOSPHATE"
3 non-polymer 'MAGNESIUM ION'
4 non-polymer 2-([3R-3,4-dihydroxybutyl]oxy)-4-fluoro-6-[(2-fluoro-4-iodophenyl)amino]benzamide
5 water water
#
_entity_poly.entity_id   1
_entity_poly.type   'polypeptide(L)'
_entity_poly.pdbx_seq_one_letter_code
;MELKDDDFEKISELGAGNGGVVFKVSHKPSGLVMARKLIHLEIKPAIRNQIIRELQVLHECNSPYIVGFYGAFYSDGEIS
ICMEHMDGGSLDQVLKKAGRIPEQILGKVSIAVIKGLTYLREKHKIMHRDVKPSNILVNSRGEIKLCDFGVSGQLIDSMA
NSFVGTRSYMSPERLQGTHYSVQSDIWSMGLSLVEMAVGRYPIPPPDAKELELMFGCQVEGDAAETPPRPRTPGRPLSSY
GMDSRPPMAIFELLDYIVNEPPPKLPSGVFSLEFQDFVNKCLIKNPAERADLKQLMVHAFIKRSDAEEVDFAGWLCSTIG
LNQPSTPTHAAGVLEHHHHHH
;
_entity_poly.pdbx_strand_id   A
#
# COMPACT_ATOMS: atom_id res chain seq x y z
N MET A 1 -7.76 -21.18 -16.54
CA MET A 1 -8.94 -20.97 -17.43
C MET A 1 -9.32 -19.50 -17.41
N GLU A 2 -10.12 -19.07 -18.39
CA GLU A 2 -10.51 -17.65 -18.51
C GLU A 2 -11.60 -17.33 -17.50
N LEU A 3 -11.50 -16.14 -16.93
CA LEU A 3 -12.50 -15.61 -16.03
C LEU A 3 -13.56 -14.82 -16.80
N LYS A 4 -14.84 -15.11 -16.53
CA LYS A 4 -15.97 -14.46 -17.21
C LYS A 4 -16.96 -13.94 -16.15
N ASP A 5 -17.66 -12.85 -16.46
CA ASP A 5 -18.63 -12.28 -15.52
C ASP A 5 -19.61 -13.27 -14.83
N ASP A 6 -20.37 -14.05 -15.59
CA ASP A 6 -21.46 -14.83 -14.95
C ASP A 6 -21.00 -16.09 -14.18
N ASP A 7 -19.69 -16.37 -14.24
CA ASP A 7 -19.08 -17.44 -13.48
C ASP A 7 -18.80 -17.08 -12.02
N PHE A 8 -19.01 -15.81 -11.66
CA PHE A 8 -18.79 -15.34 -10.29
C PHE A 8 -20.05 -15.25 -9.45
N GLU A 9 -19.88 -15.31 -8.13
CA GLU A 9 -20.98 -15.20 -7.17
C GLU A 9 -20.52 -14.35 -5.98
N LYS A 10 -21.31 -13.33 -5.65
CA LYS A 10 -20.95 -12.35 -4.63
C LYS A 10 -21.12 -12.97 -3.24
N ILE A 11 -20.14 -12.81 -2.37
CA ILE A 11 -20.24 -13.29 -0.98
C ILE A 11 -20.48 -12.10 -0.02
N SER A 12 -19.62 -11.08 -0.11
CA SER A 12 -19.72 -9.86 0.70
C SER A 12 -18.93 -8.70 0.07
N GLU A 13 -19.10 -7.48 0.57
CA GLU A 13 -18.35 -6.34 0.06
C GLU A 13 -17.15 -6.07 0.95
N LEU A 14 -15.95 -6.03 0.35
CA LEU A 14 -14.73 -5.89 1.15
C LEU A 14 -14.38 -4.44 1.46
N GLY A 15 -15.07 -3.53 0.79
CA GLY A 15 -14.88 -2.12 0.99
C GLY A 15 -14.90 -1.39 -0.33
N ALA A 16 -14.77 -0.06 -0.25
CA ALA A 16 -14.72 0.81 -1.41
C ALA A 16 -13.74 1.93 -1.14
N GLY A 17 -12.99 2.27 -2.18
CA GLY A 17 -12.36 3.57 -2.27
C GLY A 17 -13.15 4.29 -3.33
N ASN A 18 -12.64 5.42 -3.81
CA ASN A 18 -13.25 6.07 -4.98
C ASN A 18 -12.65 5.55 -6.29
N GLY A 19 -13.50 5.40 -7.31
CA GLY A 19 -13.11 4.73 -8.54
C GLY A 19 -13.52 3.27 -8.55
N GLY A 20 -13.22 2.56 -7.45
CA GLY A 20 -13.53 1.12 -7.32
C GLY A 20 -14.21 0.61 -6.05
N VAL A 21 -15.04 -0.40 -6.21
CA VAL A 21 -15.48 -1.25 -5.10
C VAL A 21 -14.86 -2.65 -5.23
N VAL A 22 -14.62 -3.29 -4.10
CA VAL A 22 -14.05 -4.61 -4.12
C VAL A 22 -14.90 -5.58 -3.32
N PHE A 23 -15.26 -6.67 -3.99
CA PHE A 23 -16.11 -7.71 -3.40
C PHE A 23 -15.34 -8.99 -3.13
N LYS A 24 -15.82 -9.75 -2.15
CA LYS A 24 -15.38 -11.11 -1.87
C LYS A 24 -16.29 -12.01 -2.66
N VAL A 25 -15.72 -12.80 -3.56
CA VAL A 25 -16.52 -13.55 -4.51
C VAL A 25 -16.10 -15.02 -4.59
N SER A 26 -17.04 -15.88 -5.01
CA SER A 26 -16.72 -17.26 -5.32
C SER A 26 -16.65 -17.38 -6.84
N HIS A 27 -15.53 -17.91 -7.33
CA HIS A 27 -15.43 -18.32 -8.72
C HIS A 27 -16.06 -19.71 -8.80
N LYS A 28 -17.31 -19.77 -9.24
CA LYS A 28 -18.08 -21.00 -9.20
C LYS A 28 -17.42 -22.24 -9.82
N PRO A 29 -16.72 -22.07 -10.96
CA PRO A 29 -16.16 -23.27 -11.60
C PRO A 29 -14.95 -23.89 -10.89
N SER A 30 -14.18 -23.06 -10.17
CA SER A 30 -13.02 -23.55 -9.44
C SER A 30 -13.31 -23.77 -7.96
N GLY A 31 -14.34 -23.10 -7.44
CA GLY A 31 -14.61 -23.07 -5.99
C GLY A 31 -13.76 -22.02 -5.25
N LEU A 32 -12.74 -21.47 -5.90
CA LEU A 32 -11.87 -20.51 -5.27
C LEU A 32 -12.63 -19.30 -4.81
N VAL A 33 -12.38 -18.91 -3.57
CA VAL A 33 -12.78 -17.59 -3.10
C VAL A 33 -11.76 -16.54 -3.57
N MET A 34 -12.22 -15.52 -4.28
CA MET A 34 -11.31 -14.42 -4.61
C MET A 34 -11.88 -13.02 -4.32
N ALA A 35 -11.04 -12.00 -4.51
CA ALA A 35 -11.44 -10.62 -4.31
C ALA A 35 -11.54 -9.99 -5.69
N ARG A 36 -12.69 -9.40 -5.99
CA ARG A 36 -12.90 -8.81 -7.29
C ARG A 36 -13.01 -7.29 -7.16
N LYS A 37 -12.05 -6.59 -7.76
CA LYS A 37 -12.07 -5.13 -7.81
C LYS A 37 -12.76 -4.73 -9.10
N LEU A 38 -13.70 -3.79 -8.99
CA LEU A 38 -14.46 -3.27 -10.14
C LEU A 38 -14.22 -1.79 -10.32
N ILE A 39 -13.78 -1.40 -11.52
CA ILE A 39 -13.54 -0.01 -11.79
C ILE A 39 -14.50 0.49 -12.83
N HIS A 40 -15.37 1.40 -12.44
CA HIS A 40 -16.32 1.96 -13.36
C HIS A 40 -15.63 3.01 -14.24
N LEU A 41 -15.42 2.66 -15.50
CA LEU A 41 -14.78 3.58 -16.45
C LEU A 41 -15.58 3.78 -17.72
N GLU A 42 -16.06 5.00 -17.92
CA GLU A 42 -16.81 5.33 -19.13
C GLU A 42 -15.82 5.65 -20.27
N ILE A 43 -15.34 4.58 -20.93
CA ILE A 43 -14.29 4.69 -21.96
C ILE A 43 -14.48 3.79 -23.20
N LYS A 44 -14.13 4.33 -24.38
CA LYS A 44 -14.17 3.65 -25.68
C LYS A 44 -13.62 2.20 -25.64
N PRO A 45 -14.08 1.34 -26.58
CA PRO A 45 -13.73 -0.10 -26.54
C PRO A 45 -12.28 -0.44 -26.96
N ALA A 46 -11.71 0.37 -27.83
CA ALA A 46 -10.33 0.19 -28.30
C ALA A 46 -9.35 0.21 -27.13
N ILE A 47 -9.41 1.28 -26.35
CA ILE A 47 -8.53 1.48 -25.19
C ILE A 47 -8.80 0.48 -24.07
N ARG A 48 -10.04 0.03 -23.94
CA ARG A 48 -10.38 -0.84 -22.84
C ARG A 48 -9.83 -2.24 -23.05
N ASN A 49 -9.45 -2.56 -24.29
CA ASN A 49 -8.78 -3.83 -24.56
C ASN A 49 -7.30 -3.69 -24.27
N GLN A 50 -6.78 -2.49 -24.50
CA GLN A 50 -5.41 -2.17 -24.17
C GLN A 50 -5.19 -2.28 -22.64
N ILE A 51 -6.16 -1.80 -21.86
CA ILE A 51 -6.13 -1.96 -20.41
C ILE A 51 -6.09 -3.43 -20.05
N ILE A 52 -7.06 -4.21 -20.54
CA ILE A 52 -7.10 -5.65 -20.24
C ILE A 52 -5.77 -6.30 -20.62
N ARG A 53 -5.30 -5.94 -21.82
CA ARG A 53 -4.04 -6.44 -22.37
C ARG A 53 -2.86 -6.03 -21.51
N GLU A 54 -2.83 -4.79 -21.03
CA GLU A 54 -1.75 -4.32 -20.16
C GLU A 54 -1.83 -4.91 -18.75
N LEU A 55 -3.01 -5.35 -18.33
CA LEU A 55 -3.17 -6.02 -17.03
C LEU A 55 -2.73 -7.47 -17.02
N GLN A 56 -2.50 -8.03 -18.20
CA GLN A 56 -2.10 -9.44 -18.33
C GLN A 56 -0.68 -9.72 -17.83
N VAL A 57 0.18 -8.70 -17.74
CA VAL A 57 1.52 -8.94 -17.21
C VAL A 57 1.44 -9.34 -15.75
N LEU A 58 0.34 -8.99 -15.10
CA LEU A 58 0.10 -9.41 -13.73
C LEU A 58 0.12 -10.94 -13.57
N HIS A 59 -0.07 -11.66 -14.68
CA HIS A 59 0.05 -13.13 -14.70
C HIS A 59 1.48 -13.59 -14.43
N GLU A 60 2.42 -12.71 -14.75
CA GLU A 60 3.83 -12.96 -14.47
C GLU A 60 4.35 -12.22 -13.21
N CYS A 61 3.43 -11.65 -12.41
CA CYS A 61 3.82 -10.99 -11.13
C CYS A 61 3.77 -11.93 -9.91
N ASN A 62 4.67 -12.90 -9.89
CA ASN A 62 4.73 -13.89 -8.82
C ASN A 62 5.86 -13.59 -7.84
N SER A 63 5.47 -13.12 -6.68
CA SER A 63 6.37 -12.86 -5.57
C SER A 63 5.57 -13.09 -4.30
N PRO A 64 6.21 -13.58 -3.22
CA PRO A 64 5.48 -13.71 -1.96
C PRO A 64 5.12 -12.36 -1.31
N TYR A 65 5.52 -11.26 -1.95
CA TYR A 65 5.27 -9.93 -1.41
C TYR A 65 4.32 -9.12 -2.27
N ILE A 66 3.76 -9.78 -3.28
CA ILE A 66 2.83 -9.18 -4.23
C ILE A 66 1.58 -10.02 -4.18
N VAL A 67 0.42 -9.36 -4.09
CA VAL A 67 -0.86 -10.05 -4.17
C VAL A 67 -0.96 -10.86 -5.46
N GLY A 68 -1.55 -12.04 -5.38
CA GLY A 68 -1.73 -12.89 -6.54
C GLY A 68 -2.75 -12.32 -7.49
N PHE A 69 -2.60 -12.63 -8.78
CA PHE A 69 -3.51 -12.20 -9.83
C PHE A 69 -4.16 -13.42 -10.43
N TYR A 70 -5.47 -13.39 -10.61
CA TYR A 70 -6.18 -14.48 -11.28
C TYR A 70 -6.57 -14.14 -12.72
N GLY A 71 -7.03 -12.92 -12.97
CA GLY A 71 -7.46 -12.53 -14.32
C GLY A 71 -8.15 -11.18 -14.39
N ALA A 72 -8.34 -10.70 -15.62
CA ALA A 72 -8.94 -9.38 -15.81
C ALA A 72 -9.81 -9.39 -17.04
N PHE A 73 -10.96 -8.74 -16.95
CA PHE A 73 -11.91 -8.75 -18.04
C PHE A 73 -12.82 -7.53 -17.93
N TYR A 74 -13.59 -7.26 -18.98
CA TYR A 74 -14.51 -6.14 -19.00
C TYR A 74 -15.94 -6.62 -19.11
N SER A 75 -16.79 -6.09 -18.24
CA SER A 75 -18.22 -6.41 -18.24
C SER A 75 -19.08 -5.30 -17.63
N ASP A 76 -20.01 -4.77 -18.42
CA ASP A 76 -21.09 -3.89 -17.93
C ASP A 76 -20.57 -2.54 -17.42
N GLY A 77 -19.69 -1.90 -18.20
CA GLY A 77 -19.14 -0.62 -17.79
C GLY A 77 -17.96 -0.67 -16.85
N GLU A 78 -17.59 -1.87 -16.38
CA GLU A 78 -16.47 -2.01 -15.44
C GLU A 78 -15.41 -3.06 -15.75
N ILE A 79 -14.16 -2.65 -15.54
CA ILE A 79 -13.01 -3.53 -15.55
C ILE A 79 -13.04 -4.32 -14.27
N SER A 80 -12.71 -5.60 -14.36
CA SER A 80 -12.65 -6.45 -13.21
C SER A 80 -11.24 -6.95 -13.10
N ILE A 81 -10.63 -6.72 -11.94
CA ILE A 81 -9.38 -7.41 -11.65
C ILE A 81 -9.71 -8.36 -10.52
N CYS A 82 -9.38 -9.62 -10.74
CA CYS A 82 -9.61 -10.64 -9.75
C CYS A 82 -8.30 -11.06 -9.08
N MET A 83 -8.23 -10.89 -7.76
CA MET A 83 -7.03 -11.18 -6.98
C MET A 83 -7.20 -12.26 -5.91
N GLU A 84 -6.07 -12.72 -5.42
CA GLU A 84 -6.01 -13.48 -4.18
C GLU A 84 -6.70 -12.70 -3.06
N HIS A 85 -7.63 -13.36 -2.36
CA HIS A 85 -8.32 -12.73 -1.25
C HIS A 85 -7.42 -12.78 -0.05
N MET A 86 -7.11 -11.61 0.50
CA MET A 86 -6.28 -11.53 1.69
C MET A 86 -7.23 -11.41 2.86
N ASP A 87 -7.31 -12.45 3.68
CA ASP A 87 -8.33 -12.52 4.73
C ASP A 87 -8.03 -11.65 5.96
N GLY A 88 -6.85 -11.04 5.98
CA GLY A 88 -6.46 -10.12 7.06
C GLY A 88 -6.78 -8.67 6.74
N GLY A 89 -7.17 -8.39 5.52
CA GLY A 89 -7.47 -7.04 5.10
C GLY A 89 -6.23 -6.20 4.92
N SER A 90 -6.41 -4.88 4.87
CA SER A 90 -5.33 -3.94 4.67
C SER A 90 -4.83 -3.40 5.99
N LEU A 91 -3.61 -2.88 5.98
CA LEU A 91 -3.00 -2.36 7.19
C LEU A 91 -3.69 -1.10 7.73
N ASP A 92 -4.44 -0.40 6.89
CA ASP A 92 -5.25 0.70 7.42
C ASP A 92 -6.36 0.18 8.34
N GLN A 93 -6.89 -1.00 8.02
CA GLN A 93 -7.95 -1.64 8.82
C GLN A 93 -7.38 -2.22 10.09
N VAL A 94 -6.24 -2.92 9.97
CA VAL A 94 -5.62 -3.51 11.15
C VAL A 94 -5.09 -2.41 12.09
N LEU A 95 -4.65 -1.29 11.53
CA LEU A 95 -4.30 -0.12 12.35
C LEU A 95 -5.47 0.37 13.20
N LYS A 96 -6.66 0.43 12.62
CA LYS A 96 -7.84 0.94 13.30
C LYS A 96 -8.14 0.12 14.54
N LYS A 97 -8.14 -1.20 14.41
CA LYS A 97 -8.40 -2.05 15.58
C LYS A 97 -7.18 -2.26 16.47
N ALA A 98 -5.97 -2.18 15.92
CA ALA A 98 -4.75 -2.28 16.72
C ALA A 98 -4.54 -1.04 17.57
N GLY A 99 -4.99 0.10 17.05
CA GLY A 99 -4.74 1.40 17.66
C GLY A 99 -3.36 1.87 17.21
N ARG A 100 -2.38 1.00 17.40
CA ARG A 100 -1.00 1.29 17.06
C ARG A 100 -0.35 -0.04 16.74
N ILE A 101 0.59 -0.04 15.80
CA ILE A 101 1.31 -1.25 15.44
C ILE A 101 2.74 -1.23 16.00
N PRO A 102 3.13 -2.27 16.76
CA PRO A 102 4.44 -2.34 17.41
C PRO A 102 5.61 -2.18 16.45
N GLU A 103 6.76 -1.74 16.97
CA GLU A 103 7.96 -1.59 16.16
C GLU A 103 8.39 -2.90 15.52
N GLN A 104 8.45 -3.95 16.34
CA GLN A 104 8.70 -5.33 15.92
C GLN A 104 7.94 -5.70 14.64
N ILE A 105 6.64 -5.42 14.63
CA ILE A 105 5.77 -5.80 13.53
C ILE A 105 6.07 -4.96 12.29
N LEU A 106 6.20 -3.66 12.49
CA LEU A 106 6.56 -2.78 11.40
C LEU A 106 7.91 -3.16 10.80
N GLY A 107 8.73 -3.84 11.58
CA GLY A 107 9.98 -4.39 11.05
C GLY A 107 9.69 -5.36 9.93
N LYS A 108 8.85 -6.35 10.21
CA LYS A 108 8.47 -7.35 9.22
C LYS A 108 7.72 -6.71 8.05
N VAL A 109 6.88 -5.71 8.35
CA VAL A 109 6.19 -4.98 7.29
C VAL A 109 7.17 -4.28 6.36
N SER A 110 8.11 -3.53 6.92
CA SER A 110 9.06 -2.79 6.11
C SER A 110 9.80 -3.69 5.13
N ILE A 111 10.13 -4.90 5.56
CA ILE A 111 10.86 -5.86 4.73
C ILE A 111 10.05 -6.28 3.52
N ALA A 112 8.80 -6.68 3.75
CA ALA A 112 7.85 -7.01 2.68
C ALA A 112 7.73 -5.91 1.65
N VAL A 113 7.67 -4.66 2.11
CA VAL A 113 7.41 -3.55 1.20
C VAL A 113 8.62 -3.31 0.33
N ILE A 114 9.78 -3.26 0.95
CA ILE A 114 11.03 -3.02 0.26
C ILE A 114 11.22 -4.11 -0.76
N LYS A 115 11.00 -5.36 -0.34
CA LYS A 115 11.17 -6.51 -1.20
C LYS A 115 10.15 -6.54 -2.33
N GLY A 116 8.95 -6.05 -2.04
CA GLY A 116 7.90 -5.95 -3.03
C GLY A 116 8.25 -4.92 -4.07
N LEU A 117 8.64 -3.73 -3.60
CA LEU A 117 9.01 -2.65 -4.50
C LEU A 117 10.19 -3.07 -5.37
N THR A 118 11.16 -3.76 -4.75
CA THR A 118 12.34 -4.29 -5.44
C THR A 118 11.97 -5.30 -6.52
N TYR A 119 11.04 -6.19 -6.20
CA TYR A 119 10.57 -7.14 -7.19
C TYR A 119 9.99 -6.42 -8.41
N LEU A 120 9.12 -5.45 -8.15
CA LEU A 120 8.47 -4.71 -9.20
C LEU A 120 9.47 -3.96 -10.06
N ARG A 121 10.43 -3.29 -9.42
CA ARG A 121 11.53 -2.61 -10.11
C ARG A 121 12.33 -3.54 -11.03
N GLU A 122 12.98 -4.54 -10.43
CA GLU A 122 13.96 -5.38 -11.14
C GLU A 122 13.31 -6.25 -12.19
N LYS A 123 12.25 -6.96 -11.80
CA LYS A 123 11.63 -7.91 -12.70
C LYS A 123 10.65 -7.29 -13.68
N HIS A 124 10.09 -6.13 -13.34
CA HIS A 124 9.04 -5.54 -14.17
C HIS A 124 9.18 -4.08 -14.59
N LYS A 125 10.21 -3.39 -14.09
CA LYS A 125 10.51 -2.03 -14.51
C LYS A 125 9.37 -1.06 -14.18
N ILE A 126 8.65 -1.30 -13.07
CA ILE A 126 7.61 -0.36 -12.66
C ILE A 126 7.73 0.13 -11.24
N MET A 127 7.33 1.37 -11.05
CA MET A 127 7.10 1.86 -9.71
C MET A 127 5.68 1.57 -9.28
N HIS A 128 5.49 1.59 -7.97
CA HIS A 128 4.19 1.36 -7.41
C HIS A 128 3.23 2.50 -7.74
N ARG A 129 3.52 3.69 -7.21
CA ARG A 129 2.76 4.94 -7.44
C ARG A 129 1.68 5.23 -6.41
N ASP A 130 1.44 4.32 -5.47
CA ASP A 130 0.40 4.51 -4.46
C ASP A 130 0.66 3.61 -3.24
N VAL A 131 1.82 3.77 -2.61
CA VAL A 131 2.11 3.05 -1.39
C VAL A 131 1.43 3.77 -0.21
N LYS A 132 0.46 3.10 0.41
CA LYS A 132 -0.19 3.60 1.61
C LYS A 132 -0.76 2.40 2.37
N PRO A 133 -1.07 2.56 3.67
CA PRO A 133 -1.53 1.40 4.45
C PRO A 133 -2.62 0.52 3.83
N SER A 134 -3.46 1.06 2.96
CA SER A 134 -4.57 0.26 2.42
C SER A 134 -4.23 -0.52 1.15
N ASN A 135 -3.01 -0.33 0.66
CA ASN A 135 -2.47 -1.10 -0.46
C ASN A 135 -1.41 -2.04 0.07
N ILE A 136 -1.40 -2.25 1.39
CA ILE A 136 -0.58 -3.28 2.01
C ILE A 136 -1.54 -4.19 2.71
N LEU A 137 -1.51 -5.46 2.32
CA LEU A 137 -2.51 -6.41 2.71
C LEU A 137 -1.86 -7.55 3.43
N VAL A 138 -2.59 -8.14 4.37
CA VAL A 138 -2.06 -9.21 5.21
C VAL A 138 -3.03 -10.39 5.24
N ASN A 139 -2.58 -11.55 5.72
CA ASN A 139 -3.47 -12.69 5.83
C ASN A 139 -3.13 -13.57 7.02
N SER A 140 -3.95 -14.60 7.23
CA SER A 140 -3.75 -15.51 8.37
C SER A 140 -2.50 -16.38 8.29
N ARG A 141 -1.92 -16.56 7.10
CA ARG A 141 -0.66 -17.32 6.99
C ARG A 141 0.54 -16.46 7.34
N GLY A 142 0.30 -15.21 7.70
CA GLY A 142 1.35 -14.29 8.10
C GLY A 142 2.00 -13.51 6.96
N GLU A 143 1.40 -13.59 5.77
CA GLU A 143 1.95 -12.91 4.60
C GLU A 143 1.58 -11.43 4.58
N ILE A 144 2.48 -10.63 4.01
CA ILE A 144 2.33 -9.18 3.91
C ILE A 144 2.64 -8.83 2.48
N LYS A 145 1.64 -8.30 1.75
CA LYS A 145 1.71 -8.18 0.31
C LYS A 145 1.22 -6.84 -0.18
N LEU A 146 1.83 -6.37 -1.27
CA LEU A 146 1.40 -5.14 -1.97
C LEU A 146 0.40 -5.44 -3.10
N CYS A 147 -0.55 -4.55 -3.30
CA CYS A 147 -1.29 -4.54 -4.55
C CYS A 147 -1.61 -3.13 -4.96
N ASP A 148 -2.43 -3.00 -6.00
CA ASP A 148 -2.80 -1.69 -6.54
C ASP A 148 -1.61 -0.88 -7.11
N PHE A 149 -0.54 -1.58 -7.50
CA PHE A 149 0.60 -0.91 -8.18
C PHE A 149 0.27 -0.57 -9.62
N GLY A 150 1.00 0.37 -10.21
CA GLY A 150 0.66 0.85 -11.55
C GLY A 150 1.24 0.02 -12.69
N VAL A 151 0.67 -1.16 -12.94
CA VAL A 151 1.10 -2.02 -14.06
C VAL A 151 0.70 -1.52 -15.42
N SER A 152 -0.45 -0.85 -15.50
CA SER A 152 -1.05 -0.50 -16.79
C SER A 152 -0.99 0.98 -17.01
N GLY A 153 -0.18 1.37 -17.99
CA GLY A 153 -0.06 2.79 -18.33
C GLY A 153 -1.42 3.40 -18.62
N GLN A 154 -2.18 2.74 -19.48
CA GLN A 154 -3.47 3.26 -19.88
C GLN A 154 -4.49 3.29 -18.75
N LEU A 155 -4.31 2.45 -17.72
CA LEU A 155 -5.26 2.46 -16.62
C LEU A 155 -4.99 3.66 -15.76
N ILE A 156 -3.72 3.82 -15.39
CA ILE A 156 -3.25 5.01 -14.72
C ILE A 156 -3.87 6.27 -15.35
N ASP A 157 -3.77 6.41 -16.67
CA ASP A 157 -4.30 7.58 -17.33
C ASP A 157 -5.80 7.71 -17.17
N SER A 158 -6.54 6.66 -17.51
CA SER A 158 -8.00 6.70 -17.48
C SER A 158 -8.57 6.93 -16.10
N MET A 159 -7.80 6.66 -15.08
CA MET A 159 -8.25 6.92 -13.72
C MET A 159 -7.75 8.26 -13.19
N ALA A 160 -6.98 8.99 -14.00
CA ALA A 160 -6.26 10.21 -13.56
C ALA A 160 -7.16 11.29 -12.94
N ASN A 161 -7.12 11.34 -11.60
CA ASN A 161 -7.64 12.43 -10.75
C ASN A 161 -6.98 12.40 -9.34
N SER A 162 -7.10 11.27 -8.61
CA SER A 162 -6.32 10.94 -7.38
C SER A 162 -7.03 11.04 -5.99
N PHE A 163 -6.34 11.69 -5.03
CA PHE A 163 -6.59 11.56 -3.59
C PHE A 163 -6.72 12.94 -2.88
N VAL A 164 -7.96 13.37 -2.59
CA VAL A 164 -8.21 14.60 -1.78
C VAL A 164 -8.55 14.35 -0.33
N GLY A 165 -8.92 13.11 -0.01
CA GLY A 165 -9.17 12.70 1.37
C GLY A 165 -8.24 13.51 2.24
N THR A 166 -8.80 14.16 3.27
CA THR A 166 -8.04 15.08 4.15
C THR A 166 -6.60 14.60 4.54
N ARG A 167 -6.03 13.68 3.74
CA ARG A 167 -4.78 12.95 4.02
C ARG A 167 -4.09 12.46 2.71
N SER A 168 -2.84 12.82 2.52
CA SER A 168 -2.10 12.45 1.30
C SER A 168 -0.70 11.88 1.58
N TYR A 169 -0.36 10.83 0.84
CA TYR A 169 0.92 10.13 0.95
C TYR A 169 1.85 10.41 -0.24
N MET A 170 1.54 11.45 -1.02
CA MET A 170 2.39 11.83 -2.14
C MET A 170 3.59 12.64 -1.67
N SER A 171 4.75 12.30 -2.26
CA SER A 171 6.01 12.94 -1.96
C SER A 171 5.98 14.40 -2.43
N PRO A 172 6.85 15.23 -1.85
CA PRO A 172 6.83 16.64 -2.20
C PRO A 172 7.04 16.88 -3.67
N GLU A 173 7.97 16.14 -4.28
CA GLU A 173 8.25 16.30 -5.71
C GLU A 173 7.04 15.87 -6.58
N ARG A 174 6.36 14.79 -6.19
CA ARG A 174 5.15 14.40 -6.89
C ARG A 174 4.03 15.44 -6.76
N LEU A 175 3.91 16.08 -5.61
CA LEU A 175 2.89 17.11 -5.42
C LEU A 175 3.19 18.37 -6.25
N GLN A 176 4.47 18.60 -6.58
CA GLN A 176 4.86 19.84 -7.26
C GLN A 176 5.11 19.74 -8.76
N GLY A 177 5.03 18.57 -9.34
CA GLY A 177 5.19 18.48 -10.78
C GLY A 177 5.29 17.09 -11.32
N THR A 178 5.88 16.97 -12.51
CA THR A 178 6.10 15.68 -13.17
C THR A 178 7.51 15.13 -12.93
N HIS A 179 8.41 15.95 -12.41
CA HIS A 179 9.78 15.52 -12.12
C HIS A 179 9.87 14.57 -10.90
N TYR A 180 9.34 13.37 -11.03
CA TYR A 180 9.41 12.33 -9.98
C TYR A 180 9.50 10.92 -10.60
N SER A 181 9.83 9.93 -9.77
CA SER A 181 9.97 8.55 -10.19
C SER A 181 9.97 7.60 -8.98
N VAL A 182 10.79 6.55 -9.00
CA VAL A 182 10.69 5.49 -7.99
C VAL A 182 11.01 5.94 -6.58
N GLN A 183 11.88 6.96 -6.44
CA GLN A 183 12.26 7.48 -5.13
C GLN A 183 11.02 7.93 -4.36
N SER A 184 10.04 8.38 -5.12
CA SER A 184 8.77 8.80 -4.57
C SER A 184 8.05 7.70 -3.75
N ASP A 185 8.21 6.44 -4.14
CA ASP A 185 7.61 5.33 -3.37
C ASP A 185 8.20 5.23 -1.96
N ILE A 186 9.49 5.54 -1.84
CA ILE A 186 10.19 5.52 -0.57
C ILE A 186 9.58 6.55 0.36
N TRP A 187 9.20 7.71 -0.19
CA TRP A 187 8.63 8.73 0.68
C TRP A 187 7.34 8.21 1.24
N SER A 188 6.49 7.69 0.35
CA SER A 188 5.19 7.14 0.76
C SER A 188 5.34 6.05 1.80
N MET A 189 6.32 5.18 1.60
CA MET A 189 6.51 4.08 2.54
C MET A 189 6.90 4.63 3.91
N GLY A 190 7.83 5.57 3.92
CA GLY A 190 8.30 6.17 5.16
C GLY A 190 7.16 6.80 5.92
N LEU A 191 6.33 7.57 5.22
CA LEU A 191 5.17 8.21 5.85
C LEU A 191 4.14 7.20 6.37
N SER A 192 3.87 6.12 5.60
CA SER A 192 2.95 5.07 6.08
C SER A 192 3.43 4.45 7.38
N LEU A 193 4.74 4.17 7.47
CA LEU A 193 5.34 3.59 8.67
C LEU A 193 5.18 4.51 9.89
N VAL A 194 5.42 5.81 9.70
CA VAL A 194 5.27 6.72 10.82
C VAL A 194 3.82 6.77 11.26
N GLU A 195 2.89 6.63 10.32
CA GLU A 195 1.48 6.65 10.67
C GLU A 195 1.14 5.45 11.54
N MET A 196 1.51 4.28 11.03
CA MET A 196 1.18 3.03 11.68
C MET A 196 1.86 2.91 13.02
N ALA A 197 3.07 3.48 13.13
CA ALA A 197 3.83 3.47 14.38
C ALA A 197 3.19 4.36 15.42
N VAL A 198 2.49 5.39 14.97
CA VAL A 198 2.04 6.45 15.86
C VAL A 198 0.54 6.38 16.17
N GLY A 199 -0.23 5.80 15.26
CA GLY A 199 -1.66 5.63 15.48
C GLY A 199 -2.51 6.62 14.72
N ARG A 200 -1.91 7.70 14.24
CA ARG A 200 -2.65 8.68 13.46
C ARG A 200 -1.82 9.20 12.29
N TYR A 201 -2.50 9.65 11.24
CA TYR A 201 -1.83 10.28 10.11
C TYR A 201 -0.96 11.40 10.71
N PRO A 202 0.34 11.43 10.37
CA PRO A 202 1.31 12.21 11.13
C PRO A 202 1.52 13.67 10.73
N ILE A 203 0.55 14.30 10.07
CA ILE A 203 0.65 15.73 9.75
C ILE A 203 -0.66 16.45 10.07
N PRO A 204 -0.61 17.55 10.86
CA PRO A 204 0.58 18.15 11.46
C PRO A 204 1.12 17.23 12.55
N PRO A 205 2.42 17.34 12.85
CA PRO A 205 2.98 16.42 13.81
C PRO A 205 2.41 16.69 15.20
N PRO A 206 2.39 15.67 16.07
CA PRO A 206 1.86 15.82 17.42
C PRO A 206 2.56 16.92 18.21
N ASP A 207 1.79 17.94 18.61
CA ASP A 207 2.32 19.00 19.47
C ASP A 207 2.60 18.44 20.89
N ALA A 208 3.56 19.04 21.60
CA ALA A 208 4.08 18.52 22.88
C ALA A 208 3.07 17.83 23.81
N LYS A 209 1.86 18.40 23.92
CA LYS A 209 0.80 17.89 24.81
C LYS A 209 0.13 16.61 24.26
N GLU A 210 0.18 16.42 22.95
CA GLU A 210 -0.54 15.32 22.30
C GLU A 210 0.27 14.01 22.29
N LEU A 211 1.59 14.12 22.45
CA LEU A 211 2.44 12.91 22.54
C LEU A 211 2.49 12.37 23.98
N GLU A 212 1.96 13.15 24.91
CA GLU A 212 1.72 12.73 26.29
C GLU A 212 0.86 11.47 26.36
N LEU A 213 -0.28 11.48 25.67
CA LEU A 213 -1.15 10.31 25.59
C LEU A 213 -0.53 9.16 24.76
N MET A 214 0.35 8.40 25.41
CA MET A 214 0.97 7.20 24.83
C MET A 214 1.32 6.17 25.92
N PHE A 215 0.41 5.20 26.11
CA PHE A 215 0.57 4.12 27.11
C PHE A 215 0.99 2.80 26.46
N PRO A 247 -10.35 19.33 11.31
CA PRO A 247 -9.07 18.83 10.81
C PRO A 247 -8.29 19.91 10.04
N MET A 248 -7.53 19.50 9.01
CA MET A 248 -6.70 20.39 8.17
C MET A 248 -7.24 20.55 6.75
N ALA A 249 -7.18 21.76 6.22
CA ALA A 249 -7.68 22.04 4.87
C ALA A 249 -6.68 21.60 3.80
N ILE A 250 -7.18 21.45 2.57
CA ILE A 250 -6.41 20.86 1.47
C ILE A 250 -5.08 21.56 1.24
N PHE A 251 -5.12 22.86 0.97
CA PHE A 251 -3.90 23.61 0.73
C PHE A 251 -2.97 23.63 1.95
N GLU A 252 -3.55 23.92 3.11
CA GLU A 252 -2.85 23.82 4.39
C GLU A 252 -2.03 22.53 4.48
N LEU A 253 -2.67 21.38 4.24
CA LEU A 253 -1.98 20.10 4.36
C LEU A 253 -0.86 19.96 3.32
N LEU A 254 -1.14 20.38 2.08
CA LEU A 254 -0.17 20.18 1.01
C LEU A 254 1.00 21.09 1.25
N ASP A 255 0.74 22.35 1.55
CA ASP A 255 1.81 23.30 1.87
C ASP A 255 2.73 22.76 2.95
N TYR A 256 2.14 22.12 3.95
CA TYR A 256 2.91 21.50 5.00
C TYR A 256 3.89 20.50 4.39
N ILE A 257 3.36 19.52 3.66
CA ILE A 257 4.18 18.48 3.06
C ILE A 257 5.37 19.05 2.31
N VAL A 258 5.12 20.04 1.44
CA VAL A 258 6.17 20.55 0.57
C VAL A 258 7.07 21.57 1.22
N ASN A 259 6.55 22.36 2.16
CA ASN A 259 7.34 23.49 2.68
C ASN A 259 7.82 23.40 4.10
N GLU A 260 7.26 22.50 4.90
CA GLU A 260 7.63 22.40 6.30
C GLU A 260 8.49 21.16 6.56
N PRO A 261 9.30 21.18 7.64
CA PRO A 261 10.19 20.03 7.83
C PRO A 261 9.36 18.76 8.01
N PRO A 262 9.85 17.63 7.46
CA PRO A 262 9.15 16.33 7.41
C PRO A 262 8.76 15.74 8.77
N PRO A 263 7.82 14.78 8.78
CA PRO A 263 7.46 14.12 10.04
C PRO A 263 8.60 13.22 10.53
N LYS A 264 8.58 12.92 11.83
CA LYS A 264 9.62 12.11 12.42
C LYS A 264 9.01 11.35 13.59
N LEU A 265 9.59 10.20 13.91
CA LEU A 265 9.20 9.46 15.11
C LEU A 265 9.52 10.30 16.35
N PRO A 266 8.64 10.25 17.37
CA PRO A 266 9.01 10.76 18.68
C PRO A 266 10.18 9.97 19.26
N SER A 267 10.99 10.64 20.08
CA SER A 267 12.14 9.99 20.66
C SER A 267 11.71 9.19 21.89
N GLY A 268 12.53 8.23 22.29
CA GLY A 268 12.31 7.49 23.53
C GLY A 268 11.60 6.16 23.36
N VAL A 269 10.44 6.18 22.71
CA VAL A 269 9.58 5.00 22.66
C VAL A 269 9.78 4.12 21.40
N PHE A 270 10.61 4.59 20.47
CA PHE A 270 11.02 3.80 19.32
C PHE A 270 12.55 3.74 19.28
N SER A 271 13.10 2.64 18.77
CA SER A 271 14.56 2.45 18.74
C SER A 271 15.25 3.46 17.83
N LEU A 272 16.51 3.77 18.15
CA LEU A 272 17.31 4.73 17.39
C LEU A 272 17.48 4.31 15.93
N GLU A 273 17.47 3.00 15.69
CA GLU A 273 17.67 2.43 14.36
C GLU A 273 16.43 2.61 13.48
N PHE A 274 15.26 2.39 14.08
CA PHE A 274 13.99 2.68 13.42
C PHE A 274 13.88 4.17 13.11
N GLN A 275 14.26 5.01 14.06
CA GLN A 275 14.15 6.45 13.88
C GLN A 275 14.94 6.93 12.66
N ASP A 276 16.20 6.49 12.57
CA ASP A 276 17.05 6.80 11.42
C ASP A 276 16.48 6.25 10.12
N PHE A 277 15.97 5.02 10.19
CA PHE A 277 15.38 4.36 9.03
C PHE A 277 14.27 5.25 8.45
N VAL A 278 13.27 5.59 9.25
CA VAL A 278 12.21 6.47 8.71
C VAL A 278 12.79 7.82 8.32
N ASN A 279 13.76 8.33 9.09
CA ASN A 279 14.39 9.59 8.75
C ASN A 279 15.00 9.60 7.36
N LYS A 280 15.60 8.48 6.96
CA LYS A 280 16.20 8.35 5.64
C LYS A 280 15.17 8.22 4.52
N CYS A 281 13.99 7.73 4.87
CA CYS A 281 12.88 7.64 3.93
C CYS A 281 12.20 8.99 3.67
N LEU A 282 12.12 9.83 4.70
CA LEU A 282 11.36 11.06 4.62
C LEU A 282 12.22 12.29 4.40
N ILE A 283 13.34 12.14 3.70
CA ILE A 283 14.13 13.29 3.29
C ILE A 283 13.46 13.93 2.07
N LYS A 284 13.32 15.25 2.07
CA LYS A 284 12.58 15.95 1.02
C LYS A 284 13.15 15.80 -0.39
N ASN A 285 14.46 15.96 -0.51
CA ASN A 285 15.11 15.91 -1.79
C ASN A 285 15.26 14.44 -2.29
N PRO A 286 14.59 14.11 -3.42
CA PRO A 286 14.49 12.70 -3.79
C PRO A 286 15.81 12.03 -4.15
N ALA A 287 16.83 12.82 -4.49
CA ALA A 287 18.16 12.29 -4.81
C ALA A 287 18.97 12.05 -3.54
N GLU A 288 18.61 12.74 -2.48
CA GLU A 288 19.29 12.58 -1.20
C GLU A 288 18.65 11.43 -0.41
N ARG A 289 17.32 11.34 -0.46
CA ARG A 289 16.55 10.20 0.09
C ARG A 289 17.21 8.84 -0.12
N ALA A 290 17.08 7.95 0.85
CA ALA A 290 17.62 6.59 0.67
C ALA A 290 16.85 5.89 -0.44
N ASP A 291 17.49 4.95 -1.12
CA ASP A 291 16.76 4.18 -2.12
C ASP A 291 16.67 2.73 -1.65
N LEU A 292 15.92 1.90 -2.37
CA LEU A 292 15.76 0.48 -2.02
C LEU A 292 17.09 -0.24 -1.74
N LYS A 293 18.09 -0.03 -2.59
CA LYS A 293 19.42 -0.65 -2.39
C LYS A 293 19.96 -0.43 -0.98
N GLN A 294 19.74 0.79 -0.45
CA GLN A 294 20.33 1.22 0.82
C GLN A 294 19.51 0.79 2.02
N LEU A 295 18.19 0.87 1.88
CA LEU A 295 17.28 0.47 2.96
C LEU A 295 17.37 -1.04 3.20
N MET A 296 17.53 -1.80 2.12
CA MET A 296 17.72 -3.25 2.19
C MET A 296 18.81 -3.62 3.20
N VAL A 297 19.94 -2.90 3.16
CA VAL A 297 21.08 -3.20 4.02
C VAL A 297 21.17 -2.25 5.23
N HIS A 298 20.02 -1.69 5.61
CA HIS A 298 19.97 -0.78 6.76
C HIS A 298 19.92 -1.53 8.10
N ALA A 299 20.58 -0.98 9.11
CA ALA A 299 20.63 -1.58 10.45
C ALA A 299 19.26 -2.06 10.95
N PHE A 300 18.22 -1.27 10.70
CA PHE A 300 16.85 -1.60 11.12
C PHE A 300 16.37 -2.90 10.44
N ILE A 301 16.52 -2.97 9.12
CA ILE A 301 16.18 -4.16 8.36
C ILE A 301 17.00 -5.39 8.79
N LYS A 302 18.30 -5.18 9.05
CA LYS A 302 19.17 -6.29 9.43
C LYS A 302 18.75 -6.80 10.79
N ARG A 303 18.40 -5.87 11.69
CA ARG A 303 17.90 -6.21 13.03
C ARG A 303 16.50 -6.85 12.99
N SER A 304 15.65 -6.43 12.05
CA SER A 304 14.29 -6.98 11.94
C SER A 304 14.26 -8.38 11.32
N ASP A 305 15.14 -8.60 10.35
CA ASP A 305 15.23 -9.85 9.60
C ASP A 305 15.61 -11.05 10.49
N ALA A 306 16.46 -10.79 11.49
CA ALA A 306 16.91 -11.78 12.46
C ALA A 306 15.84 -12.13 13.49
N GLU A 307 15.03 -11.12 13.86
CA GLU A 307 14.03 -11.25 14.92
C GLU A 307 12.99 -12.35 14.71
N GLU A 308 12.63 -12.99 15.82
CA GLU A 308 11.70 -14.10 15.85
C GLU A 308 10.33 -13.58 16.23
N VAL A 309 9.54 -13.23 15.21
CA VAL A 309 8.25 -12.59 15.42
C VAL A 309 7.13 -13.44 14.83
N ASP A 310 6.16 -13.79 15.67
CA ASP A 310 4.97 -14.51 15.20
C ASP A 310 3.90 -13.52 14.74
N PHE A 311 4.03 -13.07 13.48
CA PHE A 311 3.12 -12.08 12.91
C PHE A 311 1.72 -12.66 12.81
N ALA A 312 1.63 -13.84 12.21
CA ALA A 312 0.38 -14.59 12.13
C ALA A 312 -0.38 -14.54 13.45
N GLY A 313 0.30 -14.94 14.53
CA GLY A 313 -0.26 -14.95 15.88
C GLY A 313 -0.71 -13.58 16.37
N TRP A 314 0.09 -12.55 16.09
CA TRP A 314 -0.22 -11.19 16.51
C TRP A 314 -1.42 -10.64 15.75
N LEU A 315 -1.46 -10.93 14.46
CA LEU A 315 -2.52 -10.44 13.57
C LEU A 315 -3.90 -10.87 14.04
N CYS A 316 -4.03 -12.12 14.48
CA CYS A 316 -5.31 -12.62 14.95
C CYS A 316 -5.62 -12.17 16.36
N SER A 317 -4.63 -12.27 17.25
CA SER A 317 -4.74 -11.73 18.59
C SER A 317 -5.35 -10.32 18.61
N THR A 318 -5.13 -9.55 17.53
CA THR A 318 -5.66 -8.18 17.46
C THR A 318 -6.97 -7.99 16.66
N ILE A 319 -7.18 -8.77 15.60
CA ILE A 319 -8.38 -8.60 14.76
C ILE A 319 -9.41 -9.73 14.88
N GLY A 320 -9.04 -10.78 15.61
CA GLY A 320 -9.92 -11.92 15.88
C GLY A 320 -10.41 -12.68 14.66
N LEU A 321 -9.51 -13.43 14.03
CA LEU A 321 -9.86 -14.21 12.83
C LEU A 321 -10.17 -15.68 13.15
N ASN A 322 -9.68 -16.14 14.31
CA ASN A 322 -9.89 -17.51 14.75
C ASN A 322 -10.85 -17.61 15.94
#